data_2AOS
#
_entry.id   2AOS
#
_cell.length_a   62.871
_cell.length_b   66.512
_cell.length_c   107.623
_cell.angle_alpha   90.00
_cell.angle_beta   90.00
_cell.angle_gamma   90.00
#
_symmetry.space_group_name_H-M   'P 21 21 21'
#
loop_
_entity.id
_entity.type
_entity.pdbx_description
1 polymer 'Signaling protein from goat, SPG-40'
2 polymer 'Trp-Pro-Trp tripeptide'
3 branched 2-acetamido-2-deoxy-beta-D-glucopyranose-(1-4)-2-acetamido-2-deoxy-beta-D-glucopyranose-(1-4)-2-acetamido-2-deoxy-beta-D-glucopyranose-(1-4)-2-acetamido-2-deoxy-beta-D-glucopyranose
4 branched alpha-D-mannopyranose-(1-4)-2-acetamido-2-deoxy-alpha-D-glucopyranose-(1-4)-2-acetamido-2-deoxy-beta-D-glucopyranose
5 water water
#
loop_
_entity_poly.entity_id
_entity_poly.type
_entity_poly.pdbx_seq_one_letter_code
_entity_poly.pdbx_strand_id
1 'polypeptide(L)'
;YKLICYYTSWSQYREGDGSCFPDAIDPFLCTHVIYSFANISNNEIDTWEWNDVTLYDTLNTLKNRNPKLKTLLSVGGWNF
GPERFSKIASKTQSRRTFIKSVPPFLRTHGFDGLDLAWLYPGRRDKRHLTALVKEMKAEFAREAQAGTERLLLSAAVSAG
KIAIDRGYDIAQISRHLDFISLLTYDFHGAWRQTVGHHSPLFRGNSDASSRFSNADYAVSYMLRLGAPANKLVMGIPTFG
RSFTLASSKTDVGAPISGPGIPGRFTKEKGILAYYEICDFLHGATTHRFRDQQVPYATKGNQWVAYDDQESVKNKARYLK
NRQLAGAMVWALDLDDFRGTFCGQNLTFPLTSAVKDVLARV
;
A
2 'polypeptide(L)' WPW D
#
loop_
_chem_comp.id
_chem_comp.type
_chem_comp.name
_chem_comp.formula
MAN D-saccharide, alpha linking alpha-D-mannopyranose 'C6 H12 O6'
NAG D-saccharide, beta linking 2-acetamido-2-deoxy-beta-D-glucopyranose 'C8 H15 N O6'
NDG D-saccharide, alpha linking 2-acetamido-2-deoxy-alpha-D-glucopyranose 'C8 H15 N O6'
#
# COMPACT_ATOMS: atom_id res chain seq x y z
N TYR A 1 -15.28 2.10 10.26
CA TYR A 1 -14.22 2.32 9.24
C TYR A 1 -12.83 1.89 9.69
N LYS A 2 -12.13 1.19 8.78
CA LYS A 2 -10.77 0.75 8.99
C LYS A 2 -9.78 1.71 8.36
N LEU A 3 -8.64 1.93 8.98
CA LEU A 3 -7.62 2.76 8.43
C LEU A 3 -6.37 1.90 8.53
N ILE A 4 -5.95 1.29 7.40
CA ILE A 4 -4.87 0.27 7.42
C ILE A 4 -3.59 0.98 6.96
N CYS A 5 -2.60 1.06 7.87
CA CYS A 5 -1.33 1.76 7.63
C CYS A 5 -0.11 0.85 7.58
N TYR A 6 0.65 1.01 6.51
CA TYR A 6 1.86 0.23 6.29
C TYR A 6 3.10 0.94 6.86
N TYR A 7 3.96 0.17 7.50
CA TYR A 7 5.19 0.68 8.01
C TYR A 7 6.28 -0.14 7.37
N THR A 8 7.19 0.53 6.66
CA THR A 8 8.31 -0.13 5.97
C THR A 8 9.55 -0.30 6.83
N SER A 9 9.96 -1.55 6.96
CA SER A 9 11.13 -1.96 7.74
C SER A 9 12.39 -1.18 7.47
N TRP A 10 12.68 -0.92 6.20
CA TRP A 10 13.91 -0.25 5.79
C TRP A 10 13.95 1.24 5.88
N SER A 11 13.00 1.87 6.50
CA SER A 11 13.03 3.33 6.57
C SER A 11 13.77 3.77 7.82
N GLN A 12 14.37 2.78 8.48
CA GLN A 12 15.15 3.04 9.67
C GLN A 12 16.54 3.53 9.29
N TYR A 13 16.99 3.14 8.12
CA TYR A 13 18.32 3.50 7.64
C TYR A 13 18.32 4.79 6.85
N ARG A 14 17.31 5.62 7.01
CA ARG A 14 17.23 6.87 6.26
C ARG A 14 18.00 7.90 7.03
N GLU A 15 18.89 8.63 6.37
CA GLU A 15 19.71 9.59 7.10
C GLU A 15 18.91 10.76 7.65
N GLY A 16 19.43 11.34 8.72
CA GLY A 16 18.78 12.48 9.33
C GLY A 16 17.36 12.19 9.72
N ASP A 17 16.55 13.25 9.63
CA ASP A 17 15.13 13.21 9.98
C ASP A 17 14.39 12.16 9.19
N GLY A 18 14.97 11.74 8.08
CA GLY A 18 14.33 10.74 7.26
C GLY A 18 14.16 9.47 8.06
N SER A 19 15.07 9.22 8.99
CA SER A 19 15.02 8.01 9.80
C SER A 19 13.71 7.90 10.53
N CYS A 20 13.12 6.72 10.53
CA CYS A 20 11.83 6.50 11.20
C CYS A 20 11.74 5.14 11.83
N PHE A 21 11.26 5.09 13.06
CA PHE A 21 11.12 3.82 13.77
C PHE A 21 9.68 3.70 14.26
N PRO A 22 9.21 2.48 14.58
CA PRO A 22 7.84 2.22 15.05
C PRO A 22 7.50 3.26 16.12
N ASP A 23 8.56 3.66 16.79
CA ASP A 23 8.60 4.65 17.84
C ASP A 23 7.76 5.91 17.52
N ALA A 24 7.95 6.46 16.33
CA ALA A 24 7.27 7.70 15.90
C ALA A 24 5.82 7.57 15.54
N ILE A 25 5.22 6.39 15.68
CA ILE A 25 3.82 6.21 15.29
C ILE A 25 2.78 6.55 16.32
N ASP A 26 1.90 7.48 16.01
CA ASP A 26 0.83 7.86 16.93
C ASP A 26 -0.10 6.67 17.00
N PRO A 27 -0.12 5.95 18.11
CA PRO A 27 -0.95 4.75 18.23
C PRO A 27 -2.44 4.91 18.12
N PHE A 28 -2.93 6.13 18.06
CA PHE A 28 -4.37 6.31 17.92
C PHE A 28 -4.80 6.66 16.52
N LEU A 29 -3.81 6.88 15.64
CA LEU A 29 -4.05 7.21 14.26
C LEU A 29 -4.76 6.10 13.52
N CYS A 30 -4.12 4.96 13.36
CA CYS A 30 -4.64 3.96 12.46
C CYS A 30 -5.34 2.91 13.28
N THR A 31 -6.08 2.01 12.64
CA THR A 31 -6.75 0.92 13.35
C THR A 31 -5.92 -0.35 13.14
N HIS A 32 -5.14 -0.37 12.06
CA HIS A 32 -4.29 -1.49 11.74
C HIS A 32 -2.97 -1.00 11.17
N VAL A 33 -1.88 -1.45 11.78
CA VAL A 33 -0.54 -1.11 11.31
C VAL A 33 0.09 -2.41 10.80
N ILE A 34 0.59 -2.38 9.59
CA ILE A 34 1.21 -3.53 8.96
C ILE A 34 2.74 -3.35 8.84
N TYR A 35 3.48 -4.22 9.48
CA TYR A 35 4.94 -4.15 9.46
C TYR A 35 5.32 -4.67 8.13
N SER A 36 5.93 -3.88 7.30
CA SER A 36 6.23 -4.34 5.97
C SER A 36 7.50 -5.02 5.67
N PHE A 37 7.21 -6.20 5.12
CA PHE A 37 7.99 -7.31 4.59
C PHE A 37 8.87 -8.14 5.43
N ALA A 38 8.22 -9.22 5.82
CA ALA A 38 8.87 -10.42 6.22
C ALA A 38 9.32 -11.21 5.05
N ASN A 39 10.18 -12.16 5.33
CA ASN A 39 10.76 -12.94 4.31
C ASN A 39 10.39 -14.42 4.43
N ILE A 40 10.89 -15.27 3.54
CA ILE A 40 10.60 -16.72 3.63
C ILE A 40 11.88 -17.50 3.34
N SER A 41 12.25 -18.44 4.19
CA SER A 41 13.45 -19.22 3.96
C SER A 41 13.20 -20.62 4.49
N ASN A 42 13.53 -21.62 3.69
CA ASN A 42 13.26 -22.99 4.06
C ASN A 42 11.77 -23.10 4.17
N ASN A 43 11.09 -22.51 3.21
CA ASN A 43 9.63 -22.50 3.15
C ASN A 43 8.94 -22.09 4.41
N GLU A 44 9.65 -21.40 5.26
CA GLU A 44 9.07 -20.95 6.50
C GLU A 44 9.05 -19.42 6.60
N ILE A 45 8.03 -18.89 7.26
CA ILE A 45 7.96 -17.44 7.43
C ILE A 45 9.20 -17.11 8.26
N ASP A 46 9.78 -15.95 8.05
CA ASP A 46 10.99 -15.60 8.76
C ASP A 46 11.23 -14.11 8.67
N THR A 47 12.15 -13.62 9.46
CA THR A 47 12.45 -12.18 9.50
C THR A 47 13.15 -11.73 8.24
N TRP A 48 13.67 -10.51 8.24
CA TRP A 48 14.33 -9.94 7.09
C TRP A 48 15.49 -9.02 7.53
N GLU A 49 15.18 -8.00 8.31
CA GLU A 49 16.18 -7.11 8.83
C GLU A 49 16.72 -7.78 10.09
N TRP A 50 18.03 -7.60 10.34
CA TRP A 50 18.68 -8.18 11.53
C TRP A 50 17.87 -7.90 12.78
N ASN A 51 17.75 -6.63 13.10
CA ASN A 51 17.02 -6.18 14.27
C ASN A 51 15.51 -6.29 14.17
N ASP A 52 15.01 -7.12 13.28
CA ASP A 52 13.55 -7.27 13.14
C ASP A 52 12.82 -7.61 14.43
N VAL A 53 13.32 -8.56 15.20
CA VAL A 53 12.65 -8.91 16.43
C VAL A 53 12.54 -7.72 17.39
N THR A 54 13.48 -6.78 17.32
CA THR A 54 13.40 -5.59 18.17
C THR A 54 12.27 -4.69 17.66
N LEU A 55 12.39 -4.25 16.42
CA LEU A 55 11.40 -3.41 15.81
C LEU A 55 10.04 -4.06 15.91
N TYR A 56 9.97 -5.39 15.82
CA TYR A 56 8.67 -6.08 15.92
C TYR A 56 8.06 -5.71 17.24
N ASP A 57 8.85 -6.04 18.25
CA ASP A 57 8.54 -5.80 19.67
C ASP A 57 8.19 -4.34 19.94
N THR A 58 8.92 -3.42 19.31
CA THR A 58 8.67 -1.97 19.52
C THR A 58 7.26 -1.57 19.07
N LEU A 59 6.98 -1.92 17.79
CA LEU A 59 5.68 -1.68 17.17
C LEU A 59 4.56 -2.27 18.02
N ASN A 60 4.74 -3.50 18.45
CA ASN A 60 3.74 -4.17 19.27
C ASN A 60 3.59 -3.66 20.72
N THR A 61 4.39 -2.69 21.11
CA THR A 61 4.18 -2.14 22.42
C THR A 61 3.09 -1.07 22.31
N LEU A 62 2.95 -0.46 21.13
CA LEU A 62 1.97 0.59 20.92
C LEU A 62 0.61 0.09 21.32
N LYS A 63 0.37 -1.18 21.14
CA LYS A 63 -0.89 -1.80 21.52
C LYS A 63 -1.10 -1.69 23.01
N ASN A 64 -0.12 -1.11 23.69
CA ASN A 64 -0.16 -0.88 25.16
C ASN A 64 -0.88 0.39 25.54
N ARG A 65 -0.83 1.38 24.66
CA ARG A 65 -1.49 2.63 24.89
C ARG A 65 -2.88 2.61 24.25
N ASN A 66 -3.00 1.99 23.09
CA ASN A 66 -4.27 1.78 22.39
C ASN A 66 -4.47 0.26 22.47
N PRO A 67 -5.42 -0.15 23.32
CA PRO A 67 -5.65 -1.59 23.45
C PRO A 67 -6.43 -2.12 22.29
N LYS A 68 -7.05 -1.25 21.50
CA LYS A 68 -7.81 -1.70 20.32
C LYS A 68 -6.93 -1.75 19.05
N LEU A 69 -5.66 -1.38 19.17
CA LEU A 69 -4.77 -1.40 18.03
C LEU A 69 -4.46 -2.83 17.59
N LYS A 70 -4.54 -3.12 16.31
CA LYS A 70 -4.26 -4.44 15.75
C LYS A 70 -3.07 -4.30 14.80
N THR A 71 -2.14 -5.24 14.84
CA THR A 71 -0.94 -5.22 13.99
C THR A 71 -0.87 -6.47 13.18
N LEU A 72 -0.34 -6.37 11.97
CA LEU A 72 -0.20 -7.52 11.08
C LEU A 72 1.18 -7.45 10.46
N LEU A 73 1.65 -8.56 9.89
CA LEU A 73 2.97 -8.61 9.28
C LEU A 73 2.71 -8.97 7.87
N SER A 74 3.37 -8.29 6.93
CA SER A 74 3.13 -8.57 5.51
C SER A 74 4.20 -9.52 4.97
N VAL A 75 3.85 -10.38 4.02
CA VAL A 75 4.78 -11.36 3.41
C VAL A 75 4.98 -11.02 1.96
N GLY A 76 6.22 -11.03 1.51
CA GLY A 76 6.49 -10.69 0.14
C GLY A 76 6.92 -9.27 -0.05
N GLY A 77 6.15 -8.53 -0.81
CA GLY A 77 6.53 -7.17 -1.08
C GLY A 77 7.25 -7.07 -2.42
N TRP A 78 7.87 -5.92 -2.66
CA TRP A 78 8.55 -5.63 -3.90
C TRP A 78 9.89 -6.31 -4.20
N ASN A 79 10.76 -6.47 -3.20
CA ASN A 79 12.05 -7.12 -3.44
C ASN A 79 11.94 -8.58 -3.11
N PHE A 80 10.81 -9.16 -3.49
CA PHE A 80 10.55 -10.55 -3.24
C PHE A 80 10.02 -11.11 -4.55
N GLY A 81 10.90 -11.65 -5.36
CA GLY A 81 10.48 -12.17 -6.66
C GLY A 81 9.19 -12.96 -6.57
N PRO A 82 8.17 -12.64 -7.37
CA PRO A 82 6.93 -13.41 -7.29
C PRO A 82 7.16 -14.88 -7.71
N GLU A 83 8.22 -15.13 -8.47
CA GLU A 83 8.50 -16.49 -8.88
C GLU A 83 8.71 -17.26 -7.63
N ARG A 84 9.50 -16.70 -6.73
CA ARG A 84 9.77 -17.36 -5.46
C ARG A 84 8.43 -17.64 -4.75
N PHE A 85 7.50 -16.70 -4.85
CA PHE A 85 6.22 -16.88 -4.22
C PHE A 85 5.53 -18.00 -4.91
N SER A 86 5.59 -17.98 -6.24
CA SER A 86 4.94 -18.97 -7.10
C SER A 86 5.33 -20.40 -6.73
N LYS A 87 6.62 -20.63 -6.70
CA LYS A 87 7.23 -21.94 -6.35
C LYS A 87 6.76 -22.54 -5.02
N ILE A 88 6.49 -21.67 -4.01
CA ILE A 88 6.03 -22.11 -2.69
C ILE A 88 4.53 -22.44 -2.73
N ALA A 89 3.77 -21.75 -3.57
CA ALA A 89 2.34 -21.96 -3.66
C ALA A 89 1.86 -23.15 -4.47
N SER A 90 2.61 -23.50 -5.50
CA SER A 90 2.23 -24.63 -6.37
C SER A 90 2.55 -26.07 -5.89
N LYS A 91 3.52 -26.23 -5.00
CA LYS A 91 3.81 -27.54 -4.49
C LYS A 91 3.03 -27.67 -3.23
N THR A 92 1.97 -28.46 -3.23
CA THR A 92 1.19 -28.48 -1.96
C THR A 92 2.01 -28.83 -0.70
N GLN A 93 3.13 -29.48 -0.88
CA GLN A 93 3.95 -29.86 0.26
C GLN A 93 4.70 -28.66 0.80
N SER A 94 5.29 -27.86 -0.08
CA SER A 94 6.03 -26.67 0.38
C SER A 94 5.05 -25.61 0.88
N ARG A 95 3.84 -25.68 0.36
CA ARG A 95 2.76 -24.79 0.73
C ARG A 95 2.23 -25.09 2.15
N ARG A 96 2.10 -26.38 2.48
CA ARG A 96 1.58 -26.76 3.78
C ARG A 96 2.59 -26.40 4.90
N THR A 97 3.87 -26.54 4.58
CA THR A 97 4.97 -26.24 5.50
C THR A 97 4.99 -24.75 5.85
N PHE A 98 4.86 -23.92 4.82
CA PHE A 98 4.86 -22.48 5.02
C PHE A 98 3.66 -22.05 5.89
N ILE A 99 2.49 -22.63 5.61
CA ILE A 99 1.28 -22.34 6.36
C ILE A 99 1.45 -22.71 7.83
N LYS A 100 1.83 -23.95 8.08
CA LYS A 100 2.01 -24.43 9.43
C LYS A 100 3.01 -23.57 10.21
N SER A 101 3.97 -23.02 9.49
CA SER A 101 5.01 -22.18 10.08
C SER A 101 4.53 -20.81 10.49
N VAL A 102 3.41 -20.36 9.92
CA VAL A 102 2.91 -19.00 10.22
C VAL A 102 2.33 -18.64 11.60
N PRO A 103 1.32 -19.36 12.12
CA PRO A 103 0.78 -18.99 13.43
C PRO A 103 1.81 -18.87 14.58
N PRO A 104 2.55 -19.93 14.90
CA PRO A 104 3.52 -19.79 15.98
C PRO A 104 4.41 -18.55 15.86
N PHE A 105 4.83 -18.19 14.63
CA PHE A 105 5.70 -17.01 14.46
C PHE A 105 4.97 -15.73 14.86
N LEU A 106 3.76 -15.59 14.34
CA LEU A 106 2.91 -14.42 14.66
C LEU A 106 2.60 -14.35 16.15
N ARG A 107 2.37 -15.49 16.77
CA ARG A 107 2.04 -15.57 18.18
C ARG A 107 3.24 -15.17 19.04
N THR A 108 4.43 -15.57 18.62
CA THR A 108 5.64 -15.27 19.37
C THR A 108 5.92 -13.80 19.38
N HIS A 109 5.81 -13.16 18.22
CA HIS A 109 6.12 -11.74 18.11
C HIS A 109 4.97 -10.78 18.34
N GLY A 110 3.84 -11.35 18.72
CA GLY A 110 2.65 -10.56 19.05
C GLY A 110 1.87 -9.90 17.97
N PHE A 111 1.72 -10.54 16.82
CA PHE A 111 0.94 -9.99 15.71
C PHE A 111 -0.50 -10.50 15.75
N ASP A 112 -1.40 -9.83 15.05
CA ASP A 112 -2.80 -10.25 15.05
C ASP A 112 -3.26 -10.78 13.74
N GLY A 113 -2.33 -10.90 12.79
CA GLY A 113 -2.65 -11.43 11.47
C GLY A 113 -1.49 -11.41 10.49
N LEU A 114 -1.78 -11.82 9.26
CA LEU A 114 -0.81 -11.90 8.19
C LEU A 114 -1.34 -11.17 6.99
N ASP A 115 -0.48 -10.40 6.33
CA ASP A 115 -0.87 -9.68 5.11
C ASP A 115 -0.04 -10.34 4.01
N LEU A 116 -0.67 -10.69 2.89
CA LEU A 116 0.06 -11.33 1.79
C LEU A 116 0.29 -10.32 0.69
N ALA A 117 1.54 -10.02 0.38
CA ALA A 117 1.83 -9.07 -0.69
C ALA A 117 2.52 -9.74 -1.86
N TRP A 118 1.93 -10.82 -2.36
CA TRP A 118 2.48 -11.52 -3.53
C TRP A 118 2.39 -10.46 -4.58
N LEU A 119 3.51 -9.89 -4.99
CA LEU A 119 3.38 -8.84 -5.98
C LEU A 119 3.26 -9.33 -7.37
N TYR A 120 1.98 -9.59 -7.64
CA TYR A 120 1.39 -10.03 -8.88
C TYR A 120 1.57 -11.46 -9.28
N PRO A 121 0.49 -12.21 -9.09
CA PRO A 121 0.33 -13.62 -9.42
C PRO A 121 0.10 -13.61 -10.91
N GLY A 122 0.67 -14.57 -11.64
CA GLY A 122 0.52 -14.61 -13.07
C GLY A 122 -0.60 -15.53 -13.47
N ARG A 123 -0.85 -15.62 -14.78
CA ARG A 123 -1.90 -16.47 -15.31
C ARG A 123 -1.83 -17.87 -14.72
N ARG A 124 -0.62 -18.42 -14.60
CA ARG A 124 -0.39 -19.75 -14.06
C ARG A 124 -0.54 -19.86 -12.56
N ASP A 125 -0.76 -18.75 -11.86
CA ASP A 125 -0.86 -18.76 -10.42
C ASP A 125 -2.25 -18.78 -9.78
N LYS A 126 -3.20 -18.14 -10.45
CA LYS A 126 -4.59 -18.02 -9.96
C LYS A 126 -5.05 -19.22 -9.14
N ARG A 127 -4.94 -20.43 -9.68
CA ARG A 127 -5.33 -21.65 -8.97
C ARG A 127 -4.69 -21.70 -7.58
N HIS A 128 -3.38 -21.52 -7.53
CA HIS A 128 -2.61 -21.60 -6.31
C HIS A 128 -2.78 -20.43 -5.34
N LEU A 129 -3.02 -19.23 -5.86
CA LEU A 129 -3.27 -18.12 -4.97
C LEU A 129 -4.53 -18.56 -4.18
N THR A 130 -5.54 -19.10 -4.88
CA THR A 130 -6.75 -19.53 -4.21
C THR A 130 -6.47 -20.62 -3.19
N ALA A 131 -5.61 -21.56 -3.56
CA ALA A 131 -5.27 -22.65 -2.64
C ALA A 131 -4.65 -22.10 -1.36
N LEU A 132 -3.60 -21.31 -1.54
CA LEU A 132 -2.85 -20.68 -0.45
C LEU A 132 -3.74 -19.94 0.54
N VAL A 133 -4.62 -19.08 0.02
CA VAL A 133 -5.56 -18.28 0.83
C VAL A 133 -6.58 -19.15 1.54
N LYS A 134 -7.18 -20.07 0.78
CA LYS A 134 -8.17 -20.99 1.32
C LYS A 134 -7.60 -21.79 2.52
N GLU A 135 -6.48 -22.46 2.30
CA GLU A 135 -5.84 -23.28 3.33
C GLU A 135 -5.27 -22.49 4.50
N MET A 136 -4.58 -21.39 4.19
CA MET A 136 -3.99 -20.53 5.21
C MET A 136 -5.08 -20.13 6.14
N LYS A 137 -6.20 -19.71 5.57
CA LYS A 137 -7.36 -19.27 6.36
C LYS A 137 -7.92 -20.43 7.19
N ALA A 138 -7.90 -21.63 6.62
CA ALA A 138 -8.39 -22.81 7.30
C ALA A 138 -7.52 -23.09 8.48
N GLU A 139 -6.22 -22.83 8.36
CA GLU A 139 -5.27 -23.06 9.45
C GLU A 139 -5.51 -22.07 10.58
N PHE A 140 -5.88 -20.84 10.23
CA PHE A 140 -6.14 -19.83 11.22
C PHE A 140 -7.40 -20.17 12.00
N ALA A 141 -8.36 -20.84 11.37
CA ALA A 141 -9.61 -21.23 12.03
C ALA A 141 -9.33 -22.31 13.03
N ARG A 142 -8.53 -23.30 12.64
CA ARG A 142 -8.20 -24.42 13.54
C ARG A 142 -7.35 -23.99 14.74
N GLU A 143 -6.46 -23.03 14.51
CA GLU A 143 -5.56 -22.57 15.56
C GLU A 143 -6.28 -21.76 16.64
N ALA A 144 -7.39 -21.12 16.31
CA ALA A 144 -8.12 -20.35 17.34
C ALA A 144 -8.85 -21.28 18.31
N GLN A 145 -8.73 -22.61 18.06
CA GLN A 145 -9.33 -23.61 18.90
C GLN A 145 -8.55 -23.64 20.20
N ALA A 146 -7.29 -23.27 20.12
CA ALA A 146 -6.39 -23.22 21.29
C ALA A 146 -6.91 -22.25 22.35
N GLY A 147 -8.03 -21.62 22.07
CA GLY A 147 -8.63 -20.73 23.04
C GLY A 147 -8.23 -19.30 22.89
N THR A 148 -7.38 -19.00 21.93
CA THR A 148 -6.94 -17.63 21.70
C THR A 148 -7.69 -16.94 20.54
N GLU A 149 -7.56 -15.64 20.40
CA GLU A 149 -8.26 -14.90 19.35
C GLU A 149 -7.78 -15.26 17.95
N ARG A 150 -8.72 -15.43 17.02
CA ARG A 150 -8.39 -15.79 15.65
C ARG A 150 -7.53 -14.76 14.94
N LEU A 151 -6.50 -15.22 14.26
CA LEU A 151 -5.58 -14.35 13.55
C LEU A 151 -6.32 -13.85 12.33
N LEU A 152 -5.96 -12.65 11.89
CA LEU A 152 -6.57 -12.05 10.70
C LEU A 152 -5.76 -12.45 9.47
N LEU A 153 -6.36 -12.38 8.30
CA LEU A 153 -5.66 -12.72 7.06
C LEU A 153 -6.14 -11.74 6.01
N SER A 154 -5.20 -10.96 5.46
CA SER A 154 -5.54 -9.97 4.47
C SER A 154 -4.66 -10.14 3.28
N ALA A 155 -4.97 -9.40 2.20
CA ALA A 155 -4.19 -9.48 0.97
C ALA A 155 -4.08 -8.12 0.29
N ALA A 156 -2.94 -7.86 -0.35
CA ALA A 156 -2.73 -6.63 -1.09
C ALA A 156 -2.89 -7.04 -2.54
N VAL A 157 -3.86 -6.45 -3.24
CA VAL A 157 -4.14 -6.80 -4.65
C VAL A 157 -3.85 -5.66 -5.61
N SER A 158 -3.63 -6.00 -6.86
CA SER A 158 -3.37 -5.00 -7.88
C SER A 158 -4.71 -4.47 -8.34
N ALA A 159 -4.73 -3.21 -8.79
CA ALA A 159 -5.89 -2.52 -9.26
C ALA A 159 -5.90 -2.35 -10.76
N GLY A 160 -5.11 -3.15 -11.47
CA GLY A 160 -5.06 -3.09 -12.93
C GLY A 160 -5.86 -4.21 -13.55
N LYS A 161 -6.94 -3.84 -14.23
CA LYS A 161 -7.86 -4.77 -14.89
C LYS A 161 -7.21 -6.02 -15.45
N ILE A 162 -6.09 -5.86 -16.14
CA ILE A 162 -5.39 -7.00 -16.70
C ILE A 162 -4.75 -7.89 -15.63
N ALA A 163 -4.04 -7.26 -14.71
CA ALA A 163 -3.36 -7.99 -13.63
C ALA A 163 -4.36 -8.80 -12.81
N ILE A 164 -5.55 -8.22 -12.66
CA ILE A 164 -6.63 -8.83 -11.91
C ILE A 164 -7.12 -10.04 -12.67
N ASP A 165 -7.59 -9.81 -13.91
CA ASP A 165 -8.13 -10.85 -14.80
C ASP A 165 -7.14 -11.95 -14.97
N ARG A 166 -5.87 -11.57 -15.03
CA ARG A 166 -4.80 -12.53 -15.21
C ARG A 166 -4.59 -13.48 -14.06
N GLY A 167 -4.31 -12.93 -12.89
CA GLY A 167 -3.98 -13.78 -11.74
C GLY A 167 -4.80 -13.88 -10.50
N TYR A 168 -6.02 -13.39 -10.47
CA TYR A 168 -6.82 -13.46 -9.26
C TYR A 168 -8.23 -14.02 -9.42
N ASP A 169 -8.65 -14.80 -8.44
CA ASP A 169 -9.99 -15.34 -8.38
C ASP A 169 -10.66 -14.51 -7.25
N ILE A 170 -11.09 -13.31 -7.58
CA ILE A 170 -11.71 -12.39 -6.63
C ILE A 170 -12.93 -12.92 -5.90
N ALA A 171 -13.82 -13.65 -6.56
CA ALA A 171 -15.00 -14.16 -5.86
C ALA A 171 -14.60 -15.25 -4.87
N GLN A 172 -13.64 -16.07 -5.26
CA GLN A 172 -13.18 -17.16 -4.41
C GLN A 172 -12.44 -16.65 -3.18
N ILE A 173 -11.44 -15.78 -3.37
CA ILE A 173 -10.65 -15.31 -2.25
C ILE A 173 -11.28 -14.25 -1.34
N SER A 174 -12.37 -13.64 -1.73
CA SER A 174 -12.98 -12.63 -0.87
C SER A 174 -13.66 -13.30 0.29
N ARG A 175 -14.10 -14.53 0.09
CA ARG A 175 -14.78 -15.27 1.16
C ARG A 175 -13.81 -15.72 2.26
N HIS A 176 -12.54 -15.79 1.96
CA HIS A 176 -11.57 -16.20 2.95
C HIS A 176 -10.76 -15.06 3.59
N LEU A 177 -10.67 -13.91 2.92
CA LEU A 177 -9.89 -12.80 3.42
C LEU A 177 -10.65 -11.88 4.33
N ASP A 178 -10.02 -11.38 5.37
CA ASP A 178 -10.68 -10.48 6.32
C ASP A 178 -10.92 -9.11 5.67
N PHE A 179 -9.98 -8.72 4.80
CA PHE A 179 -10.08 -7.50 4.00
C PHE A 179 -9.06 -7.52 2.86
N ILE A 180 -9.41 -6.82 1.77
CA ILE A 180 -8.57 -6.72 0.58
C ILE A 180 -8.10 -5.29 0.35
N SER A 181 -6.78 -5.07 0.40
CA SER A 181 -6.22 -3.75 0.18
C SER A 181 -5.92 -3.55 -1.27
N LEU A 182 -6.69 -2.67 -1.91
CA LEU A 182 -6.54 -2.37 -3.36
C LEU A 182 -5.42 -1.36 -3.60
N LEU A 183 -4.46 -1.73 -4.45
CA LEU A 183 -3.32 -0.87 -4.75
C LEU A 183 -3.67 0.18 -5.79
N THR A 184 -4.52 1.11 -5.42
CA THR A 184 -4.93 2.15 -6.34
C THR A 184 -3.93 3.31 -6.53
N TYR A 185 -2.65 2.98 -6.73
CA TYR A 185 -1.65 3.99 -6.97
C TYR A 185 -0.51 3.55 -7.86
N ASP A 186 -0.77 2.62 -8.76
CA ASP A 186 0.24 2.15 -9.70
C ASP A 186 -0.27 2.40 -11.11
N PHE A 187 -1.09 3.41 -11.29
CA PHE A 187 -1.69 3.66 -12.57
C PHE A 187 -0.86 4.20 -13.71
N HIS A 188 0.04 5.14 -13.48
CA HIS A 188 0.89 5.48 -14.61
C HIS A 188 2.01 4.48 -14.41
N GLY A 189 1.99 3.44 -15.25
CA GLY A 189 2.96 2.38 -15.16
C GLY A 189 4.42 2.78 -15.29
N ALA A 190 5.28 1.90 -14.79
CA ALA A 190 6.70 2.11 -14.86
C ALA A 190 7.05 2.28 -16.35
N TRP A 191 6.32 1.54 -17.17
CA TRP A 191 6.54 1.54 -18.61
C TRP A 191 6.77 2.87 -19.35
N ARG A 192 5.72 3.43 -19.95
CA ARG A 192 5.86 4.62 -20.77
C ARG A 192 6.69 5.81 -20.32
N GLN A 193 6.93 6.68 -21.30
CA GLN A 193 7.67 7.91 -21.14
C GLN A 193 6.79 9.08 -21.57
N THR A 194 5.85 9.39 -20.70
CA THR A 194 4.94 10.49 -20.88
C THR A 194 4.42 10.82 -19.50
N VAL A 195 4.39 12.10 -19.18
CA VAL A 195 3.92 12.55 -17.89
C VAL A 195 2.49 12.10 -17.59
N GLY A 196 2.20 11.73 -16.34
CA GLY A 196 0.87 11.29 -15.93
C GLY A 196 0.75 10.96 -14.44
N HIS A 197 -0.43 11.17 -13.86
CA HIS A 197 -0.61 10.87 -12.44
C HIS A 197 -0.81 9.36 -12.21
N HIS A 198 -0.03 8.83 -11.28
CA HIS A 198 -0.04 7.43 -10.93
C HIS A 198 -1.27 7.04 -10.16
N SER A 199 -1.95 7.98 -9.50
CA SER A 199 -3.13 7.63 -8.73
C SER A 199 -4.33 8.54 -8.98
N PRO A 200 -4.75 8.66 -10.23
CA PRO A 200 -5.89 9.55 -10.56
C PRO A 200 -7.16 8.98 -9.94
N LEU A 201 -8.05 9.85 -9.45
CA LEU A 201 -9.26 9.35 -8.81
C LEU A 201 -10.27 8.89 -9.79
N PHE A 202 -10.49 9.73 -10.80
CA PHE A 202 -11.49 9.47 -11.84
C PHE A 202 -10.91 9.23 -13.19
N ARG A 203 -11.82 9.12 -14.15
CA ARG A 203 -11.52 8.82 -15.54
C ARG A 203 -10.81 9.88 -16.38
N GLY A 204 -10.85 11.13 -15.94
CA GLY A 204 -10.19 12.16 -16.71
C GLY A 204 -10.76 12.34 -18.10
N ASN A 205 -11.88 13.05 -18.19
CA ASN A 205 -12.59 13.36 -19.43
C ASN A 205 -11.65 13.58 -20.61
N SER A 206 -10.41 13.98 -20.31
CA SER A 206 -9.41 14.23 -21.34
C SER A 206 -8.56 12.99 -21.60
N ASP A 207 -9.20 11.82 -21.69
CA ASP A 207 -8.50 10.56 -21.94
C ASP A 207 -9.49 9.43 -22.29
N ALA A 208 -9.37 8.92 -23.52
CA ALA A 208 -10.26 7.86 -23.99
C ALA A 208 -9.62 6.47 -23.97
N SER A 209 -8.33 6.42 -23.65
CA SER A 209 -7.63 5.13 -23.62
C SER A 209 -7.39 4.64 -22.18
N SER A 210 -7.10 3.35 -22.06
CA SER A 210 -6.84 2.74 -20.75
C SER A 210 -7.57 3.54 -19.67
N ARG A 211 -8.90 3.43 -19.70
CA ARG A 211 -9.75 4.08 -18.71
C ARG A 211 -9.86 3.15 -17.52
N PHE A 212 -9.17 2.02 -17.60
CA PHE A 212 -9.18 1.09 -16.51
C PHE A 212 -8.09 1.53 -15.53
N SER A 213 -7.64 2.78 -15.70
CA SER A 213 -6.55 3.33 -14.89
C SER A 213 -6.90 4.41 -13.84
N ASN A 214 -7.84 4.10 -12.97
CA ASN A 214 -8.12 5.03 -11.89
C ASN A 214 -8.74 4.26 -10.74
N ALA A 215 -8.77 4.85 -9.58
CA ALA A 215 -9.39 4.15 -8.45
C ALA A 215 -10.87 3.79 -8.73
N ASP A 216 -11.62 4.75 -9.27
CA ASP A 216 -13.04 4.57 -9.57
C ASP A 216 -13.37 3.34 -10.39
N TYR A 217 -12.66 3.16 -11.49
CA TYR A 217 -12.89 2.01 -12.31
C TYR A 217 -12.49 0.78 -11.55
N ALA A 218 -11.26 0.78 -11.05
CA ALA A 218 -10.75 -0.39 -10.31
C ALA A 218 -11.74 -0.89 -9.26
N VAL A 219 -12.38 0.02 -8.55
CA VAL A 219 -13.33 -0.36 -7.51
C VAL A 219 -14.59 -1.03 -8.04
N SER A 220 -15.27 -0.35 -8.97
CA SER A 220 -16.50 -0.86 -9.56
C SER A 220 -16.25 -2.17 -10.24
N TYR A 221 -15.02 -2.41 -10.67
CA TYR A 221 -14.68 -3.65 -11.35
C TYR A 221 -14.57 -4.74 -10.33
N MET A 222 -14.14 -4.37 -9.12
CA MET A 222 -13.95 -5.32 -8.06
C MET A 222 -15.25 -5.66 -7.40
N LEU A 223 -16.18 -4.70 -7.39
CA LEU A 223 -17.49 -4.93 -6.81
C LEU A 223 -18.24 -5.81 -7.81
N ARG A 224 -18.07 -5.49 -9.09
CA ARG A 224 -18.70 -6.22 -10.15
C ARG A 224 -18.18 -7.64 -10.02
N LEU A 225 -16.88 -7.79 -10.02
CA LEU A 225 -16.28 -9.12 -9.95
C LEU A 225 -16.78 -9.96 -8.79
N GLY A 226 -17.43 -9.34 -7.80
CA GLY A 226 -17.94 -10.12 -6.68
C GLY A 226 -17.35 -9.91 -5.30
N ALA A 227 -16.37 -9.05 -5.15
CA ALA A 227 -15.79 -8.80 -3.84
C ALA A 227 -16.77 -7.90 -3.09
N PRO A 228 -17.07 -8.15 -1.83
CA PRO A 228 -18.02 -7.26 -1.16
C PRO A 228 -17.41 -5.97 -0.55
N ALA A 229 -18.15 -4.87 -0.70
CA ALA A 229 -17.71 -3.59 -0.20
C ALA A 229 -17.13 -3.64 1.22
N ASN A 230 -17.74 -4.38 2.16
CA ASN A 230 -17.23 -4.39 3.53
C ASN A 230 -15.97 -5.23 3.75
N LYS A 231 -15.40 -5.73 2.67
CA LYS A 231 -14.00 -6.26 2.68
C LYS A 231 -12.98 -5.52 1.82
N LEU A 232 -13.44 -4.45 1.21
CA LEU A 232 -12.59 -3.68 0.31
C LEU A 232 -11.99 -2.45 0.96
N VAL A 233 -10.70 -2.28 0.79
CA VAL A 233 -10.01 -1.13 1.35
C VAL A 233 -9.26 -0.48 0.21
N MET A 234 -9.45 0.80 0.03
CA MET A 234 -8.81 1.51 -1.10
C MET A 234 -7.48 2.13 -0.75
N GLY A 235 -6.46 1.76 -1.48
CA GLY A 235 -5.12 2.28 -1.22
C GLY A 235 -4.89 3.76 -1.51
N ILE A 236 -4.32 4.46 -0.57
CA ILE A 236 -4.01 5.86 -0.77
C ILE A 236 -2.51 6.14 -0.60
N PRO A 237 -1.89 6.65 -1.65
CA PRO A 237 -0.45 6.94 -1.61
C PRO A 237 -0.12 8.11 -0.75
N THR A 238 1.01 8.02 -0.04
CA THR A 238 1.50 9.08 0.81
C THR A 238 2.80 9.57 0.17
N PHE A 239 2.98 9.23 -1.10
CA PHE A 239 4.14 9.61 -1.86
C PHE A 239 3.80 10.15 -3.26
N GLY A 240 4.85 10.58 -3.96
CA GLY A 240 4.67 11.12 -5.29
C GLY A 240 5.54 10.37 -6.27
N ARG A 241 5.21 10.47 -7.54
CA ARG A 241 5.98 9.84 -8.58
C ARG A 241 6.60 11.00 -9.37
N SER A 242 7.90 10.97 -9.57
CA SER A 242 8.58 12.05 -10.29
C SER A 242 9.15 11.65 -11.65
N PHE A 243 9.34 12.65 -12.50
CA PHE A 243 9.91 12.47 -13.84
C PHE A 243 10.79 13.67 -14.22
N THR A 244 11.85 13.39 -14.97
CA THR A 244 12.72 14.43 -15.46
C THR A 244 12.17 14.74 -16.85
N LEU A 245 11.66 15.95 -17.04
CA LEU A 245 11.09 16.36 -18.31
C LEU A 245 12.11 16.28 -19.44
N ALA A 246 11.64 15.98 -20.64
CA ALA A 246 12.50 15.92 -21.80
C ALA A 246 12.26 17.17 -22.64
N SER A 247 11.42 18.06 -22.14
CA SER A 247 11.11 19.32 -22.84
C SER A 247 10.24 20.24 -21.99
N SER A 248 10.31 21.53 -22.26
CA SER A 248 9.54 22.53 -21.51
C SER A 248 8.01 22.37 -21.58
N LYS A 249 7.55 21.28 -22.19
CA LYS A 249 6.13 21.03 -22.26
C LYS A 249 5.74 20.52 -20.87
N THR A 250 4.83 21.22 -20.20
CA THR A 250 4.43 20.84 -18.86
C THR A 250 3.09 20.10 -18.77
N ASP A 251 2.11 20.58 -19.52
CA ASP A 251 0.74 20.03 -19.53
C ASP A 251 0.58 18.54 -19.80
N VAL A 252 -0.68 18.12 -19.77
CA VAL A 252 -1.06 16.74 -20.01
C VAL A 252 -0.30 16.28 -21.23
N GLY A 253 0.16 15.03 -21.21
CA GLY A 253 0.86 14.49 -22.38
C GLY A 253 2.35 14.72 -22.54
N ALA A 254 2.86 15.88 -22.09
CA ALA A 254 4.29 16.21 -22.18
C ALA A 254 5.23 14.96 -22.22
N PRO A 255 6.35 15.06 -22.95
CA PRO A 255 7.27 13.95 -23.06
C PRO A 255 8.25 13.74 -21.88
N ILE A 256 8.86 12.56 -21.79
CA ILE A 256 9.71 12.28 -20.67
C ILE A 256 11.06 11.60 -20.98
N SER A 257 12.13 12.16 -20.43
CA SER A 257 13.47 11.61 -20.60
C SER A 257 13.71 10.45 -19.65
N GLY A 258 12.98 10.44 -18.55
CA GLY A 258 13.13 9.38 -17.58
C GLY A 258 12.65 9.77 -16.19
N PRO A 259 12.96 9.01 -15.15
CA PRO A 259 12.50 9.34 -13.80
C PRO A 259 13.20 10.57 -13.25
N GLY A 260 12.63 11.14 -12.20
CA GLY A 260 13.18 12.33 -11.58
C GLY A 260 14.34 12.01 -10.66
N ILE A 261 15.14 13.01 -10.34
CA ILE A 261 16.27 12.84 -9.45
C ILE A 261 15.81 12.44 -8.05
N PRO A 262 16.67 11.69 -7.33
CA PRO A 262 16.39 11.19 -5.98
C PRO A 262 15.99 12.24 -4.92
N GLY A 263 15.19 11.81 -3.96
CA GLY A 263 14.79 12.68 -2.88
C GLY A 263 16.02 12.72 -2.00
N ARG A 264 16.21 13.80 -1.25
CA ARG A 264 17.42 13.90 -0.44
C ARG A 264 17.49 12.90 0.72
N PHE A 265 16.34 12.54 1.28
CA PHE A 265 16.28 11.57 2.38
C PHE A 265 15.91 10.19 1.83
N THR A 266 14.98 10.23 0.88
CA THR A 266 14.45 9.06 0.21
C THR A 266 15.50 8.30 -0.59
N LYS A 267 16.39 9.01 -1.27
CA LYS A 267 17.45 8.41 -2.08
C LYS A 267 17.09 7.30 -3.09
N GLU A 268 15.90 7.37 -3.67
CA GLU A 268 15.46 6.40 -4.65
C GLU A 268 14.92 7.19 -5.86
N LYS A 269 15.33 6.78 -7.04
CA LYS A 269 14.93 7.46 -8.27
C LYS A 269 13.46 7.29 -8.62
N GLY A 270 12.81 8.37 -9.02
CA GLY A 270 11.43 8.29 -9.44
C GLY A 270 10.40 8.29 -8.33
N ILE A 271 10.84 8.41 -7.09
CA ILE A 271 9.91 8.45 -5.95
C ILE A 271 10.29 9.56 -4.98
N LEU A 272 9.29 10.13 -4.30
CA LEU A 272 9.52 11.19 -3.32
C LEU A 272 8.53 11.07 -2.18
N ALA A 273 9.01 11.21 -0.95
CA ALA A 273 8.18 11.14 0.21
C ALA A 273 7.32 12.42 0.25
N TYR A 274 6.19 12.38 0.92
CA TYR A 274 5.37 13.56 0.98
C TYR A 274 6.15 14.68 1.64
N TYR A 275 6.94 14.34 2.67
CA TYR A 275 7.69 15.40 3.35
C TYR A 275 8.78 15.99 2.47
N GLU A 276 9.17 15.27 1.42
CA GLU A 276 10.19 15.75 0.51
C GLU A 276 9.51 16.65 -0.48
N ILE A 277 8.28 16.30 -0.80
CA ILE A 277 7.45 17.09 -1.72
C ILE A 277 7.09 18.40 -1.09
N CYS A 278 6.95 18.44 0.21
CA CYS A 278 6.61 19.69 0.86
C CYS A 278 7.74 20.69 0.71
N ASP A 279 8.97 20.21 0.79
CA ASP A 279 10.15 21.09 0.66
C ASP A 279 10.36 21.42 -0.81
N PHE A 280 9.97 20.49 -1.68
CA PHE A 280 10.07 20.71 -3.12
C PHE A 280 9.09 21.75 -3.62
N LEU A 281 7.94 21.85 -2.98
CA LEU A 281 6.90 22.78 -3.40
C LEU A 281 7.33 24.24 -3.46
N HIS A 282 8.26 24.62 -2.59
CA HIS A 282 8.76 26.00 -2.56
C HIS A 282 9.46 26.36 -3.88
N GLY A 283 8.86 27.30 -4.61
CA GLY A 283 9.41 27.72 -5.88
C GLY A 283 8.99 26.80 -7.01
N ALA A 284 7.90 26.07 -6.79
CA ALA A 284 7.39 25.15 -7.80
C ALA A 284 6.02 25.66 -8.23
N THR A 285 5.61 25.33 -9.45
CA THR A 285 4.30 25.74 -9.95
C THR A 285 3.33 24.58 -9.71
N THR A 286 2.19 24.85 -9.12
CA THR A 286 1.25 23.78 -8.85
C THR A 286 0.01 23.79 -9.74
N HIS A 287 -0.30 22.63 -10.27
CA HIS A 287 -1.46 22.47 -11.10
C HIS A 287 -2.26 21.31 -10.50
N ARG A 288 -3.56 21.27 -10.83
CA ARG A 288 -4.43 20.22 -10.36
C ARG A 288 -5.30 19.80 -11.52
N PHE A 289 -5.38 18.51 -11.80
CA PHE A 289 -6.22 18.01 -12.86
C PHE A 289 -7.57 18.04 -12.20
N ARG A 290 -8.56 18.63 -12.83
CA ARG A 290 -9.87 18.63 -12.18
C ARG A 290 -10.60 17.33 -12.54
N ASP A 291 -10.40 16.84 -13.75
CA ASP A 291 -11.01 15.60 -14.19
C ASP A 291 -10.73 14.48 -13.19
N GLN A 292 -9.45 14.23 -12.88
CA GLN A 292 -9.10 13.20 -11.91
C GLN A 292 -8.99 13.75 -10.48
N GLN A 293 -9.07 15.07 -10.37
CA GLN A 293 -8.97 15.74 -9.08
C GLN A 293 -7.74 15.30 -8.29
N VAL A 294 -6.57 15.53 -8.88
CA VAL A 294 -5.30 15.23 -8.25
C VAL A 294 -4.25 16.28 -8.69
N PRO A 295 -3.31 16.60 -7.84
CA PRO A 295 -2.26 17.58 -8.08
C PRO A 295 -0.95 17.12 -8.67
N TYR A 296 -0.18 18.07 -9.17
CA TYR A 296 1.16 17.82 -9.70
C TYR A 296 1.92 19.14 -9.70
N ALA A 297 3.23 19.05 -9.75
CA ALA A 297 4.04 20.25 -9.75
C ALA A 297 5.28 20.10 -10.60
N THR A 298 5.71 21.22 -11.18
CA THR A 298 6.90 21.28 -12.00
C THR A 298 7.80 22.34 -11.38
N LYS A 299 9.08 22.20 -11.65
CA LYS A 299 10.11 23.11 -11.17
C LYS A 299 11.29 22.71 -12.04
N GLY A 300 11.94 23.69 -12.68
CA GLY A 300 13.07 23.34 -13.53
C GLY A 300 12.61 22.24 -14.46
N ASN A 301 13.32 21.13 -14.55
CA ASN A 301 12.90 20.06 -15.43
C ASN A 301 12.38 18.86 -14.60
N GLN A 302 11.70 19.18 -13.50
CA GLN A 302 11.16 18.15 -12.64
C GLN A 302 9.63 18.26 -12.57
N TRP A 303 8.94 17.17 -12.91
CA TRP A 303 7.47 17.09 -12.89
C TRP A 303 7.10 16.08 -11.81
N VAL A 304 6.24 16.48 -10.88
CA VAL A 304 5.85 15.61 -9.77
C VAL A 304 4.36 15.42 -9.60
N ALA A 305 3.92 14.16 -9.69
CA ALA A 305 2.52 13.80 -9.50
C ALA A 305 2.40 13.30 -8.08
N TYR A 306 1.52 13.91 -7.27
CA TYR A 306 1.37 13.49 -5.89
C TYR A 306 -0.03 13.71 -5.31
N ASP A 307 -0.21 13.48 -4.01
CA ASP A 307 -1.49 13.65 -3.37
C ASP A 307 -1.36 14.60 -2.20
N ASP A 308 -2.31 15.52 -2.05
CA ASP A 308 -2.28 16.41 -0.90
C ASP A 308 -3.49 16.19 -0.04
N GLN A 309 -3.53 16.88 1.11
CA GLN A 309 -4.65 16.78 2.06
C GLN A 309 -6.01 16.81 1.39
N GLU A 310 -6.14 17.66 0.39
CA GLU A 310 -7.39 17.77 -0.34
C GLU A 310 -7.68 16.55 -1.23
N SER A 311 -6.74 16.18 -2.06
CA SER A 311 -7.00 15.05 -2.93
C SER A 311 -7.26 13.84 -2.10
N VAL A 312 -6.61 13.82 -0.95
CA VAL A 312 -6.71 12.66 -0.05
C VAL A 312 -8.06 12.54 0.69
N LYS A 313 -8.65 13.67 1.04
CA LYS A 313 -9.94 13.63 1.71
C LYS A 313 -10.94 13.19 0.68
N ASN A 314 -10.78 13.79 -0.48
CA ASN A 314 -11.63 13.52 -1.62
C ASN A 314 -11.79 12.04 -1.87
N LYS A 315 -10.67 11.31 -1.87
CA LYS A 315 -10.69 9.90 -2.07
C LYS A 315 -11.42 9.25 -0.94
N ALA A 316 -11.14 9.70 0.29
CA ALA A 316 -11.81 9.18 1.48
C ALA A 316 -13.34 9.40 1.44
N ARG A 317 -13.80 10.51 0.90
CA ARG A 317 -15.24 10.72 0.80
C ARG A 317 -15.82 9.71 -0.17
N TYR A 318 -15.20 9.63 -1.33
CA TYR A 318 -15.63 8.68 -2.35
C TYR A 318 -15.77 7.32 -1.72
N LEU A 319 -14.69 6.86 -1.16
CA LEU A 319 -14.62 5.58 -0.49
C LEU A 319 -15.83 5.31 0.39
N LYS A 320 -16.33 6.36 1.03
CA LYS A 320 -17.48 6.25 1.95
C LYS A 320 -18.78 6.18 1.20
N ASN A 321 -18.92 7.04 0.21
CA ASN A 321 -20.13 7.04 -0.65
C ASN A 321 -20.33 5.69 -1.32
N ARG A 322 -19.26 4.94 -1.48
CA ARG A 322 -19.43 3.64 -2.05
C ARG A 322 -19.54 2.62 -0.95
N GLN A 323 -19.28 3.07 0.26
CA GLN A 323 -19.34 2.24 1.45
C GLN A 323 -18.34 1.14 1.52
N LEU A 324 -17.07 1.47 1.31
CA LEU A 324 -16.03 0.46 1.38
C LEU A 324 -15.70 0.32 2.89
N ALA A 325 -14.97 -0.71 3.24
CA ALA A 325 -14.64 -0.96 4.63
C ALA A 325 -13.65 0.03 5.15
N GLY A 326 -12.88 0.66 4.26
CA GLY A 326 -11.93 1.64 4.76
C GLY A 326 -10.89 2.10 3.76
N ALA A 327 -9.81 2.66 4.29
CA ALA A 327 -8.74 3.14 3.45
C ALA A 327 -7.44 2.50 3.89
N MET A 328 -6.48 2.47 2.98
CA MET A 328 -5.16 1.94 3.22
C MET A 328 -4.21 3.04 2.78
N VAL A 329 -3.27 3.36 3.64
CA VAL A 329 -2.26 4.40 3.38
C VAL A 329 -0.88 3.71 3.25
N TRP A 330 -0.34 3.77 2.03
CA TRP A 330 0.97 3.18 1.84
C TRP A 330 2.03 4.16 2.27
N ALA A 331 2.78 3.74 3.29
CA ALA A 331 3.90 4.45 3.84
C ALA A 331 3.63 5.42 4.94
N LEU A 332 3.46 4.91 6.14
CA LEU A 332 3.30 5.77 7.29
C LEU A 332 4.60 6.57 7.37
N ASP A 333 5.68 5.98 6.90
CA ASP A 333 7.00 6.60 6.97
C ASP A 333 7.31 7.58 5.86
N LEU A 334 6.40 7.69 4.88
CA LEU A 334 6.60 8.59 3.75
C LEU A 334 5.72 9.81 3.92
N ASP A 335 5.03 9.87 5.04
CA ASP A 335 4.15 10.98 5.35
C ASP A 335 5.02 11.87 6.21
N ASP A 336 4.52 13.01 6.65
CA ASP A 336 5.34 13.87 7.51
C ASP A 336 5.17 13.37 8.94
N PHE A 337 5.80 12.25 9.24
CA PHE A 337 5.69 11.66 10.58
C PHE A 337 6.25 12.55 11.68
N ARG A 338 7.19 13.42 11.37
CA ARG A 338 7.74 14.33 12.38
C ARG A 338 6.88 15.56 12.42
N GLY A 339 6.29 15.92 11.29
CA GLY A 339 5.44 17.11 11.22
C GLY A 339 6.25 18.39 11.20
N THR A 340 7.50 18.28 10.79
CA THR A 340 8.40 19.44 10.75
C THR A 340 8.71 19.93 9.34
N PHE A 341 8.21 19.26 8.30
CA PHE A 341 8.49 19.68 6.94
C PHE A 341 7.39 20.43 6.23
N CYS A 342 6.13 20.09 6.48
CA CYS A 342 5.02 20.74 5.77
C CYS A 342 4.32 21.82 6.60
N GLY A 343 4.80 23.05 6.45
CA GLY A 343 4.23 24.16 7.21
C GLY A 343 3.64 23.67 8.50
N GLN A 344 2.31 23.61 8.53
CA GLN A 344 1.53 23.18 9.69
C GLN A 344 2.18 22.20 10.66
N ASN A 345 1.96 22.48 11.95
CA ASN A 345 2.51 21.68 13.04
C ASN A 345 1.75 20.40 13.32
N LEU A 346 1.10 19.86 12.30
CA LEU A 346 0.37 18.61 12.45
C LEU A 346 1.39 17.48 12.14
N THR A 347 1.21 16.34 12.80
CA THR A 347 2.08 15.20 12.57
C THR A 347 1.28 14.24 11.66
N PHE A 348 1.93 13.61 10.70
CA PHE A 348 1.22 12.72 9.77
C PHE A 348 0.03 13.49 9.15
N PRO A 349 0.26 14.66 8.55
CA PRO A 349 -0.86 15.41 7.99
C PRO A 349 -1.74 14.60 7.04
N LEU A 350 -1.15 13.98 6.04
CA LEU A 350 -1.86 13.20 5.07
C LEU A 350 -2.75 12.11 5.67
N THR A 351 -2.21 11.25 6.55
CA THR A 351 -3.02 10.18 7.12
C THR A 351 -4.09 10.73 8.03
N SER A 352 -3.87 11.93 8.57
CA SER A 352 -4.85 12.58 9.42
C SER A 352 -6.06 12.99 8.58
N ALA A 353 -5.78 13.60 7.45
CA ALA A 353 -6.83 14.06 6.57
C ALA A 353 -7.81 12.90 6.35
N VAL A 354 -7.27 11.77 5.96
CA VAL A 354 -8.10 10.59 5.68
C VAL A 354 -8.92 10.25 6.91
N LYS A 355 -8.23 10.06 8.02
CA LYS A 355 -8.89 9.73 9.29
C LYS A 355 -9.95 10.74 9.70
N ASP A 356 -9.69 12.00 9.41
CA ASP A 356 -10.65 13.04 9.74
C ASP A 356 -11.94 12.77 9.02
N VAL A 357 -11.85 12.47 7.72
CA VAL A 357 -13.03 12.23 6.90
C VAL A 357 -13.71 10.91 7.20
N LEU A 358 -12.93 9.92 7.63
CA LEU A 358 -13.47 8.61 7.94
C LEU A 358 -14.24 8.65 9.26
N ALA A 359 -14.05 9.73 10.01
CA ALA A 359 -14.74 9.84 11.25
C ALA A 359 -15.99 10.72 11.30
N ARG A 360 -16.52 11.14 10.17
CA ARG A 360 -17.74 11.97 10.21
C ARG A 360 -19.04 11.37 9.63
N VAL A 361 -19.05 10.06 9.47
CA VAL A 361 -20.27 9.26 9.24
C VAL A 361 -20.48 9.26 7.72
N TRP B 1 5.44 -10.11 -12.60
CA TRP B 1 5.91 -8.90 -11.87
C TRP B 1 6.71 -7.87 -12.73
N PRO B 2 6.97 -8.19 -14.01
CA PRO B 2 7.67 -7.46 -15.09
C PRO B 2 7.16 -6.17 -15.76
N TRP B 3 7.99 -5.70 -16.73
CA TRP B 3 7.86 -4.49 -17.61
C TRP B 3 8.77 -3.33 -17.15
C1 NAG C . 9.00 -0.36 -3.55
C2 NAG C . 9.54 0.73 -2.62
C3 NAG C . 11.04 0.72 -2.82
C4 NAG C . 11.56 -0.65 -2.27
C5 NAG C . 10.61 -1.87 -2.48
C6 NAG C . 10.49 -2.67 -1.17
C7 NAG C . 8.53 2.95 -1.95
C8 NAG C . 8.40 4.36 -2.49
N2 NAG C . 8.94 2.03 -2.85
O3 NAG C . 11.56 1.86 -2.13
O4 NAG C . 12.90 -0.96 -2.70
O5 NAG C . 9.28 -1.63 -2.93
O6 NAG C . 10.39 -4.02 -1.57
O7 NAG C . 8.23 2.72 -0.77
C1 NAG C . 13.78 -0.33 -1.67
C2 NAG C . 14.43 -1.43 -0.76
C3 NAG C . 15.28 -0.81 0.34
C4 NAG C . 16.07 0.48 -0.11
C5 NAG C . 15.16 1.43 -0.91
C6 NAG C . 15.80 2.68 -1.51
C7 NAG C . 13.32 -3.33 0.49
C8 NAG C . 12.02 -4.12 0.30
N2 NAG C . 13.29 -2.19 -0.22
O3 NAG C . 16.10 -1.81 0.91
O4 NAG C . 16.66 1.22 0.99
O5 NAG C . 14.59 0.79 -1.99
O6 NAG C . 15.49 2.80 -2.91
O7 NAG C . 14.26 -3.71 1.24
C1 NAG C . 17.95 0.52 1.26
C2 NAG C . 19.09 1.61 1.30
C3 NAG C . 20.44 1.11 1.86
C4 NAG C . 20.25 0.03 2.96
C5 NAG C . 19.31 -1.03 2.33
C6 NAG C . 19.25 -2.37 3.05
C7 NAG C . 18.58 3.11 -0.69
C8 NAG C . 18.66 3.00 -2.19
N2 NAG C . 19.33 2.20 -0.04
O3 NAG C . 21.27 2.17 2.28
O4 NAG C . 21.46 -0.64 3.32
O5 NAG C . 17.99 -0.64 2.08
O6 NAG C . 18.85 -3.33 2.06
O7 NAG C . 17.88 3.99 -0.16
C1 NAG C . 22.69 0.14 3.43
C2 NAG C . 23.74 -0.59 4.27
C3 NAG C . 25.11 0.10 4.29
C4 NAG C . 25.45 0.91 3.04
C5 NAG C . 24.26 1.73 2.58
C6 NAG C . 24.51 2.60 1.33
C7 NAG C . 22.62 -1.85 6.04
C8 NAG C . 23.14 -2.37 7.37
N2 NAG C . 23.18 -0.69 5.61
O3 NAG C . 26.06 -0.92 4.49
O4 NAG C . 26.47 1.83 3.33
O5 NAG C . 23.34 0.72 2.31
O6 NAG C . 23.33 3.22 0.87
O7 NAG C . 21.74 -2.46 5.39
C1 NAG D . 15.15 -14.31 2.22
C2 NAG D . 16.63 -14.04 2.45
C3 NAG D . 17.61 -14.81 1.55
C4 NAG D . 17.18 -16.24 1.30
C5 NAG D . 15.71 -16.17 0.95
C6 NAG D . 15.19 -17.52 0.50
C7 NAG D . 16.91 -12.20 3.56
C8 NAG D . 17.28 -10.79 3.86
N2 NAG D . 16.87 -12.62 2.31
O3 NAG D . 18.85 -14.89 2.18
O4 NAG D . 17.86 -16.79 0.18
O5 NAG D . 15.02 -15.69 2.08
O6 NAG D . 15.40 -18.37 1.60
O7 NAG D . 16.66 -12.99 4.48
C1 NDG D . 19.28 -16.88 -0.07
C2 NDG D . 19.42 -17.56 -1.44
C3 NDG D . 20.75 -18.22 -1.72
C4 NDG D . 21.80 -18.13 -0.65
C5 NDG D . 21.24 -18.15 0.77
C6 NDG D . 22.30 -17.51 1.67
C7 NDG D . 18.00 -17.97 -3.17
C8 NDG D . 18.55 -16.60 -3.54
O5 NDG D . 19.96 -17.56 0.98
O3 NDG D . 21.29 -17.48 -2.82
O4 NDG D . 22.67 -19.23 -0.80
O6 NDG D . 22.60 -16.17 1.27
O7 NDG D . 17.28 -18.55 -3.99
N2 NDG D . 18.39 -18.41 -1.96
C1 MAN D . 23.82 -19.33 0.00
C2 MAN D . 25.07 -19.05 -0.88
C3 MAN D . 25.89 -20.33 -1.16
C4 MAN D . 26.06 -21.24 0.08
C5 MAN D . 24.71 -21.45 0.82
C6 MAN D . 24.91 -21.94 2.26
O2 MAN D . 25.90 -18.06 -0.28
O3 MAN D . 27.16 -19.94 -1.63
O4 MAN D . 26.84 -22.44 -0.21
O5 MAN D . 23.83 -20.34 0.98
O6 MAN D . 24.20 -23.15 2.41
#